data_1XBY
#
_entry.id   1XBY
#
_cell.length_a   122.785
_cell.length_b   41.906
_cell.length_c   91.225
_cell.angle_alpha   90.00
_cell.angle_beta   97.46
_cell.angle_gamma   90.00
#
_symmetry.space_group_name_H-M   'C 1 2 1'
#
loop_
_entity.id
_entity.type
_entity.pdbx_description
1 polymer '3-keto-L-gulonate 6-phosphate decarboxylase'
2 non-polymer RIBULOSE-5-PHOSPHATE
3 non-polymer 'MAGNESIUM ION'
4 water water
#
_entity_poly.entity_id   1
_entity_poly.type   'polypeptide(L)'
_entity_poly.pdbx_seq_one_letter_code
;MSLPMLQVALDNQTMDSAYETTRLIAEEVDIIEVGTILCVGEGVRAVRDLKALYPHKIVLADAKIADAGKILSRMCFEAN
ADWVTVICCADINTAKGALDVAKEFNGDVQIDLTGYWTWEQAQQWRDAGIGQVVYHRSRDAQAAGVAWGEADITAIKRLS
DMGFKVTVAGGLALEDLPLFKGIPIHVFIAGRSIRDAASPVEAARQFKRSIAELWG
;
_entity_poly.pdbx_strand_id   A,B
#
# COMPACT_ATOMS: atom_id res chain seq x y z
N LEU A 3 -7.68 -28.87 -5.90
CA LEU A 3 -8.60 -27.93 -6.55
C LEU A 3 -8.17 -26.51 -6.15
N PRO A 4 -8.32 -25.56 -7.07
CA PRO A 4 -8.18 -24.13 -6.69
C PRO A 4 -9.06 -23.82 -5.48
N MET A 5 -8.53 -23.05 -4.53
CA MET A 5 -9.31 -22.67 -3.32
C MET A 5 -10.08 -21.40 -3.62
N LEU A 6 -11.08 -21.10 -2.82
CA LEU A 6 -11.92 -19.90 -2.96
C LEU A 6 -11.63 -18.94 -1.78
N GLN A 7 -11.23 -17.73 -2.13
CA GLN A 7 -10.95 -16.67 -1.18
C GLN A 7 -11.99 -15.58 -1.33
N VAL A 8 -12.62 -15.20 -0.21
CA VAL A 8 -13.55 -14.06 -0.22
C VAL A 8 -12.79 -12.82 0.24
N ALA A 9 -12.93 -11.73 -0.48
CA ALA A 9 -12.29 -10.48 -0.10
C ALA A 9 -13.27 -9.64 0.66
N LEU A 10 -12.90 -9.24 1.86
CA LEU A 10 -13.72 -8.36 2.69
C LEU A 10 -13.18 -6.95 2.50
N ASP A 11 -13.61 -6.33 1.40
CA ASP A 11 -13.29 -4.95 1.09
C ASP A 11 -14.43 -4.08 1.63
N ASN A 12 -14.47 -4.02 2.92
CA ASN A 12 -15.51 -3.30 3.67
C ASN A 12 -14.86 -2.25 4.50
N GLN A 13 -15.56 -1.15 4.79
CA GLN A 13 -14.97 -0.06 5.56
C GLN A 13 -14.93 -0.25 7.06
N THR A 14 -15.83 -1.12 7.57
CA THR A 14 -16.00 -1.31 8.98
C THR A 14 -16.19 -2.80 9.24
N MET A 15 -15.84 -3.25 10.46
CA MET A 15 -16.05 -4.65 10.81
C MET A 15 -17.49 -5.09 10.69
N ASP A 16 -18.42 -4.25 11.15
CA ASP A 16 -19.80 -4.69 11.13
C ASP A 16 -20.29 -4.92 9.69
N SER A 17 -19.85 -4.08 8.73
CA SER A 17 -20.12 -4.34 7.32
C SER A 17 -19.51 -5.68 6.85
N ALA A 18 -18.27 -5.98 7.26
CA ALA A 18 -17.66 -7.26 6.89
C ALA A 18 -18.47 -8.44 7.43
N TYR A 19 -18.97 -8.33 8.66
CA TYR A 19 -19.73 -9.41 9.31
C TYR A 19 -21.06 -9.68 8.63
N GLU A 20 -21.60 -8.66 8.01
CA GLU A 20 -22.79 -8.90 7.14
C GLU A 20 -22.50 -9.94 6.09
N THR A 21 -21.25 -9.97 5.57
CA THR A 21 -20.85 -10.97 4.63
C THR A 21 -20.45 -12.24 5.32
N THR A 22 -19.51 -12.14 6.26
CA THR A 22 -19.04 -13.36 6.85
C THR A 22 -20.10 -14.24 7.53
N ARG A 23 -21.11 -13.65 8.12
CA ARG A 23 -22.14 -14.43 8.80
C ARG A 23 -22.95 -15.27 7.80
N LEU A 24 -22.89 -14.88 6.53
CA LEU A 24 -23.47 -15.67 5.41
C LEU A 24 -22.54 -16.72 4.83
N ILE A 25 -21.25 -16.37 4.56
CA ILE A 25 -20.39 -17.25 3.76
C ILE A 25 -19.08 -17.73 4.33
N ALA A 26 -18.83 -17.46 5.60
CA ALA A 26 -17.54 -17.89 6.18
C ALA A 26 -17.31 -19.37 5.96
N GLU A 27 -18.34 -20.20 6.05
CA GLU A 27 -18.13 -21.64 6.00
C GLU A 27 -18.20 -22.13 4.57
N GLU A 28 -18.43 -21.21 3.64
CA GLU A 28 -18.61 -21.48 2.22
C GLU A 28 -17.33 -21.23 1.41
N VAL A 29 -16.27 -20.79 2.07
CA VAL A 29 -15.02 -20.40 1.41
C VAL A 29 -13.87 -20.97 2.17
N ASP A 30 -12.70 -20.93 1.55
CA ASP A 30 -11.48 -21.47 2.15
C ASP A 30 -10.62 -20.45 2.88
N ILE A 31 -10.56 -19.26 2.33
CA ILE A 31 -9.69 -18.19 2.81
C ILE A 31 -10.52 -16.95 3.02
N ILE A 32 -10.33 -16.29 4.17
CA ILE A 32 -10.96 -15.03 4.45
C ILE A 32 -9.90 -13.93 4.34
N GLU A 33 -10.12 -13.03 3.40
CA GLU A 33 -9.24 -11.92 3.19
C GLU A 33 -9.78 -10.67 3.90
N VAL A 34 -8.91 -10.08 4.72
CA VAL A 34 -9.07 -8.73 5.23
C VAL A 34 -8.62 -7.81 4.09
N GLY A 35 -9.55 -7.22 3.35
CA GLY A 35 -9.17 -6.43 2.22
C GLY A 35 -8.42 -5.20 2.59
N THR A 36 -7.75 -4.61 1.61
CA THR A 36 -6.98 -3.42 1.87
C THR A 36 -7.90 -2.32 2.42
N ILE A 37 -9.12 -2.27 1.93
CA ILE A 37 -10.09 -1.29 2.35
C ILE A 37 -10.43 -1.48 3.84
N LEU A 38 -10.50 -2.73 4.31
CA LEU A 38 -10.80 -3.00 5.69
C LEU A 38 -9.59 -2.73 6.58
N CYS A 39 -8.41 -3.04 6.04
CA CYS A 39 -7.15 -2.73 6.77
C CYS A 39 -7.07 -1.21 6.97
N VAL A 40 -7.46 -0.43 5.98
CA VAL A 40 -7.38 1.03 6.12
C VAL A 40 -8.53 1.57 6.97
N GLY A 41 -9.70 0.95 6.87
CA GLY A 41 -10.86 1.39 7.62
C GLY A 41 -10.69 1.12 9.12
N GLU A 42 -10.24 -0.08 9.48
CA GLU A 42 -10.25 -0.51 10.85
C GLU A 42 -8.83 -0.75 11.43
N GLY A 43 -7.85 -0.90 10.59
CA GLY A 43 -6.51 -1.31 11.01
C GLY A 43 -6.44 -2.77 11.34
N VAL A 44 -5.35 -3.14 11.95
CA VAL A 44 -4.98 -4.52 12.12
C VAL A 44 -5.93 -5.26 13.08
N ARG A 45 -6.74 -4.54 13.83
CA ARG A 45 -7.74 -5.16 14.64
C ARG A 45 -8.61 -6.06 13.79
N ALA A 46 -8.80 -5.72 12.52
CA ALA A 46 -9.64 -6.50 11.63
C ALA A 46 -9.12 -7.91 11.46
N VAL A 47 -7.81 -8.05 11.38
CA VAL A 47 -7.16 -9.32 11.24
C VAL A 47 -7.35 -10.13 12.53
N ARG A 48 -7.10 -9.50 13.65
CA ARG A 48 -7.16 -10.18 14.95
C ARG A 48 -8.58 -10.67 15.23
N ASP A 49 -9.54 -9.80 14.92
CA ASP A 49 -10.94 -10.13 15.17
C ASP A 49 -11.41 -11.27 14.29
N LEU A 50 -11.13 -11.19 12.99
CA LEU A 50 -11.63 -12.17 12.06
C LEU A 50 -10.97 -13.53 12.32
N LYS A 51 -9.66 -13.57 12.65
CA LYS A 51 -9.06 -14.86 13.00
C LYS A 51 -9.65 -15.46 14.26
N ALA A 52 -10.04 -14.62 15.22
CA ALA A 52 -10.63 -15.09 16.47
C ALA A 52 -11.98 -15.73 16.13
N LEU A 53 -12.72 -15.12 15.21
CA LEU A 53 -13.99 -15.69 14.80
C LEU A 53 -13.87 -16.97 13.99
N TYR A 54 -12.82 -17.06 13.15
CA TYR A 54 -12.74 -18.09 12.11
C TYR A 54 -11.33 -18.67 12.15
N PRO A 55 -10.96 -19.22 13.29
CA PRO A 55 -9.57 -19.63 13.51
C PRO A 55 -9.14 -20.84 12.64
N HIS A 56 -10.12 -21.56 12.16
CA HIS A 56 -9.95 -22.71 11.24
C HIS A 56 -9.79 -22.35 9.76
N LYS A 57 -9.94 -21.07 9.45
CA LYS A 57 -9.80 -20.60 8.08
C LYS A 57 -8.49 -19.86 7.95
N ILE A 58 -7.94 -19.87 6.75
CA ILE A 58 -6.77 -19.08 6.43
C ILE A 58 -7.23 -17.66 6.41
N VAL A 59 -6.52 -16.79 7.11
CA VAL A 59 -6.80 -15.34 7.07
C VAL A 59 -5.65 -14.63 6.40
N LEU A 60 -5.96 -13.91 5.34
CA LEU A 60 -5.01 -13.14 4.56
C LEU A 60 -5.21 -11.65 4.84
N ALA A 61 -4.12 -10.96 5.16
CA ALA A 61 -4.19 -9.50 5.37
C ALA A 61 -3.68 -8.87 4.11
N ASP A 62 -4.58 -8.26 3.33
CA ASP A 62 -4.21 -7.69 2.06
C ASP A 62 -3.65 -6.26 2.20
N ALA A 63 -2.53 -6.17 2.88
CA ALA A 63 -1.89 -4.90 3.24
C ALA A 63 -1.13 -4.26 2.06
N LYS A 64 -0.84 -5.03 1.03
CA LYS A 64 -0.14 -4.58 -0.13
C LYS A 64 1.05 -3.72 0.27
N ILE A 65 1.88 -4.30 1.11
CA ILE A 65 2.98 -3.57 1.71
C ILE A 65 3.97 -3.04 0.68
N ALA A 66 4.28 -1.74 0.76
CA ALA A 66 5.16 -1.06 -0.20
C ALA A 66 6.59 -0.83 0.29
N ASP A 67 6.77 -0.94 1.60
CA ASP A 67 8.05 -0.68 2.30
C ASP A 67 7.85 -1.00 3.77
N ALA A 68 8.94 -1.10 4.52
CA ALA A 68 8.91 -1.49 5.90
C ALA A 68 8.30 -2.90 6.03
N GLY A 69 8.85 -3.82 5.25
CA GLY A 69 8.32 -5.17 5.20
C GLY A 69 8.32 -5.86 6.53
N LYS A 70 9.39 -5.71 7.31
CA LYS A 70 9.47 -6.37 8.60
C LYS A 70 8.44 -5.79 9.59
N ILE A 71 8.36 -4.48 9.71
CA ILE A 71 7.46 -3.92 10.70
C ILE A 71 5.98 -4.22 10.32
N LEU A 72 5.62 -3.94 9.09
CA LEU A 72 4.20 -4.10 8.70
C LEU A 72 3.81 -5.59 8.69
N SER A 73 4.68 -6.48 8.23
CA SER A 73 4.32 -7.91 8.30
C SER A 73 4.20 -8.35 9.74
N ARG A 74 5.10 -7.90 10.60
CA ARG A 74 5.02 -8.28 12.01
C ARG A 74 3.70 -7.80 12.66
N MET A 75 3.23 -6.60 12.29
CA MET A 75 1.95 -6.14 12.82
C MET A 75 0.79 -7.06 12.40
N CYS A 76 0.80 -7.50 11.13
CA CYS A 76 -0.20 -8.43 10.66
C CYS A 76 -0.07 -9.81 11.28
N PHE A 77 1.16 -10.34 11.36
CA PHE A 77 1.31 -11.65 11.95
C PHE A 77 1.10 -11.72 13.48
N GLU A 78 1.39 -10.64 14.20
CA GLU A 78 1.07 -10.52 15.62
C GLU A 78 -0.44 -10.50 15.87
N ALA A 79 -1.15 -10.02 14.86
CA ALA A 79 -2.62 -10.05 14.84
C ALA A 79 -3.18 -11.36 14.33
N ASN A 80 -2.33 -12.36 14.14
CA ASN A 80 -2.71 -13.74 13.78
C ASN A 80 -3.09 -13.98 12.32
N ALA A 81 -2.62 -13.11 11.43
CA ALA A 81 -2.66 -13.39 10.01
C ALA A 81 -1.94 -14.66 9.70
N ASP A 82 -2.42 -15.37 8.71
CA ASP A 82 -1.68 -16.49 8.10
C ASP A 82 -0.84 -16.01 6.92
N TRP A 83 -1.39 -15.12 6.08
CA TRP A 83 -0.71 -14.66 4.90
C TRP A 83 -0.83 -13.13 4.85
N VAL A 84 0.19 -12.51 4.27
CA VAL A 84 0.21 -11.07 4.00
C VAL A 84 0.64 -10.83 2.60
N THR A 85 0.19 -9.74 2.00
CA THR A 85 0.62 -9.29 0.69
C THR A 85 1.58 -8.11 0.69
N VAL A 86 2.51 -8.18 -0.25
CA VAL A 86 3.47 -7.13 -0.54
C VAL A 86 3.23 -6.71 -1.96
N ILE A 87 3.16 -5.42 -2.21
CA ILE A 87 2.94 -4.93 -3.56
C ILE A 87 4.17 -5.11 -4.47
N CYS A 88 3.90 -5.38 -5.73
CA CYS A 88 4.96 -5.75 -6.67
C CYS A 88 6.08 -4.72 -6.85
N CYS A 89 5.79 -3.43 -6.76
CA CYS A 89 6.87 -2.44 -6.96
C CYS A 89 7.83 -2.33 -5.77
N ALA A 90 7.52 -2.92 -4.64
CA ALA A 90 8.38 -2.80 -3.44
C ALA A 90 9.82 -3.25 -3.73
N ASP A 91 10.77 -2.53 -3.16
CA ASP A 91 12.14 -3.00 -3.16
C ASP A 91 12.24 -4.47 -2.73
N ILE A 92 13.17 -5.19 -3.32
CA ILE A 92 13.27 -6.61 -3.03
C ILE A 92 13.50 -6.94 -1.54
N ASN A 93 14.18 -6.03 -0.84
CA ASN A 93 14.43 -6.18 0.58
C ASN A 93 13.16 -6.10 1.42
N THR A 94 12.17 -5.43 0.88
CA THR A 94 10.85 -5.47 1.53
C THR A 94 10.19 -6.84 1.49
N ALA A 95 10.11 -7.48 0.32
CA ALA A 95 9.64 -8.85 0.23
C ALA A 95 10.48 -9.76 1.12
N LYS A 96 11.82 -9.64 1.06
CA LYS A 96 12.65 -10.47 1.89
C LYS A 96 12.39 -10.29 3.41
N GLY A 97 12.26 -9.04 3.85
CA GLY A 97 11.96 -8.74 5.23
C GLY A 97 10.65 -9.34 5.70
N ALA A 98 9.62 -9.23 4.86
CA ALA A 98 8.31 -9.74 5.20
C ALA A 98 8.31 -11.25 5.27
N LEU A 99 9.07 -11.89 4.38
CA LEU A 99 9.21 -13.33 4.35
C LEU A 99 9.96 -13.83 5.59
N ASP A 100 11.00 -13.11 6.03
CA ASP A 100 11.71 -13.55 7.23
C ASP A 100 10.78 -13.52 8.44
N VAL A 101 9.95 -12.50 8.54
CA VAL A 101 8.98 -12.44 9.63
C VAL A 101 7.96 -13.53 9.49
N ALA A 102 7.39 -13.69 8.29
CA ALA A 102 6.41 -14.73 8.02
C ALA A 102 6.92 -16.08 8.53
N LYS A 103 8.19 -16.36 8.26
CA LYS A 103 8.76 -17.64 8.69
C LYS A 103 8.72 -17.84 10.18
N GLU A 104 8.93 -16.78 10.98
CA GLU A 104 8.82 -16.89 12.44
C GLU A 104 7.46 -17.30 12.94
N PHE A 105 6.42 -16.96 12.16
CA PHE A 105 5.05 -17.23 12.53
C PHE A 105 4.43 -18.40 11.77
N ASN A 106 5.23 -19.11 10.98
CA ASN A 106 4.79 -20.14 10.03
C ASN A 106 3.69 -19.63 9.12
N GLY A 107 3.84 -18.38 8.70
CA GLY A 107 2.92 -17.79 7.73
C GLY A 107 3.59 -17.70 6.40
N ASP A 108 3.05 -16.86 5.51
CA ASP A 108 3.55 -16.75 4.15
C ASP A 108 3.27 -15.38 3.57
N VAL A 109 4.02 -15.04 2.53
CA VAL A 109 3.94 -13.78 1.85
C VAL A 109 3.56 -14.03 0.43
N GLN A 110 2.65 -13.22 -0.07
CA GLN A 110 2.32 -13.20 -1.50
C GLN A 110 2.73 -11.85 -2.08
N ILE A 111 3.20 -11.85 -3.32
CA ILE A 111 3.46 -10.61 -4.03
C ILE A 111 2.23 -10.33 -4.80
N ASP A 112 1.59 -9.21 -4.53
CA ASP A 112 0.44 -8.78 -5.30
C ASP A 112 0.84 -8.02 -6.58
N LEU A 113 0.34 -8.49 -7.73
CA LEU A 113 0.88 -8.05 -9.01
C LEU A 113 0.00 -6.98 -9.65
N THR A 114 -0.60 -6.14 -8.84
CA THR A 114 -1.45 -5.11 -9.41
C THR A 114 -0.57 -4.01 -9.98
N GLY A 115 -0.84 -3.58 -11.21
CA GLY A 115 -0.07 -2.48 -11.78
C GLY A 115 1.23 -2.92 -12.46
N TYR A 116 2.24 -2.07 -12.41
CA TYR A 116 3.44 -2.25 -13.22
C TYR A 116 4.54 -3.04 -12.47
N TRP A 117 5.00 -4.10 -13.12
CA TRP A 117 6.10 -4.93 -12.63
C TRP A 117 6.76 -5.58 -13.87
N THR A 118 7.91 -6.18 -13.65
CA THR A 118 8.71 -6.76 -14.74
C THR A 118 9.03 -8.21 -14.46
N TRP A 119 9.37 -8.93 -15.55
CA TRP A 119 9.79 -10.31 -15.44
C TRP A 119 11.10 -10.45 -14.68
N GLU A 120 11.96 -9.43 -14.75
CA GLU A 120 13.18 -9.45 -13.96
C GLU A 120 12.86 -9.41 -12.45
N GLN A 121 11.87 -8.60 -12.06
CA GLN A 121 11.42 -8.56 -10.66
C GLN A 121 10.84 -9.91 -10.23
N ALA A 122 10.11 -10.55 -11.14
CA ALA A 122 9.54 -11.85 -10.84
C ALA A 122 10.62 -12.85 -10.55
N GLN A 123 11.72 -12.83 -11.33
CA GLN A 123 12.82 -13.74 -11.04
C GLN A 123 13.44 -13.40 -9.69
N GLN A 124 13.55 -12.11 -9.36
CA GLN A 124 14.07 -11.71 -8.05
C GLN A 124 13.22 -12.27 -6.88
N TRP A 125 11.89 -12.23 -7.01
CA TRP A 125 11.01 -12.76 -5.96
C TRP A 125 11.26 -14.25 -5.74
N ARG A 126 11.38 -14.96 -6.86
CA ARG A 126 11.67 -16.39 -6.82
C ARG A 126 13.01 -16.69 -6.13
N ASP A 127 14.06 -15.96 -6.50
CA ASP A 127 15.36 -16.16 -5.90
C ASP A 127 15.34 -15.81 -4.41
N ALA A 128 14.44 -14.93 -3.99
CA ALA A 128 14.30 -14.59 -2.56
C ALA A 128 13.50 -15.60 -1.74
N GLY A 129 12.86 -16.57 -2.40
CA GLY A 129 12.13 -17.61 -1.72
C GLY A 129 10.62 -17.40 -1.70
N ILE A 130 10.12 -16.41 -2.43
CA ILE A 130 8.67 -16.18 -2.56
C ILE A 130 8.05 -17.29 -3.38
N GLY A 131 7.01 -17.89 -2.85
CA GLY A 131 6.32 -18.99 -3.50
C GLY A 131 4.89 -18.71 -3.95
N GLN A 132 4.40 -17.48 -3.76
CA GLN A 132 3.00 -17.11 -4.09
C GLN A 132 2.94 -15.74 -4.69
N VAL A 133 2.13 -15.58 -5.75
CA VAL A 133 1.86 -14.29 -6.30
C VAL A 133 0.38 -14.21 -6.57
N VAL A 134 -0.14 -12.98 -6.58
CA VAL A 134 -1.52 -12.69 -6.96
C VAL A 134 -1.54 -11.97 -8.29
N TYR A 135 -1.91 -12.70 -9.34
CA TYR A 135 -2.13 -12.08 -10.63
C TYR A 135 -3.41 -11.30 -10.59
N HIS A 136 -3.33 -9.99 -10.77
CA HIS A 136 -4.37 -9.10 -10.26
C HIS A 136 -4.70 -8.01 -11.21
N ARG A 137 -5.89 -8.09 -11.80
CA ARG A 137 -6.38 -7.00 -12.59
C ARG A 137 -6.83 -5.84 -11.70
N SER A 138 -6.28 -4.65 -11.94
CA SER A 138 -6.64 -3.51 -11.14
C SER A 138 -8.13 -3.18 -11.30
N ARG A 139 -8.81 -2.98 -10.18
CA ARG A 139 -10.22 -2.56 -10.21
C ARG A 139 -10.44 -1.28 -10.98
N ASP A 140 -9.51 -0.35 -10.91
CA ASP A 140 -9.61 0.91 -11.61
C ASP A 140 -9.39 0.70 -13.09
N ALA A 141 -8.51 -0.22 -13.47
CA ALA A 141 -8.32 -0.56 -14.87
C ALA A 141 -9.60 -1.22 -15.41
N GLN A 142 -10.14 -2.16 -14.62
CA GLN A 142 -11.43 -2.82 -14.90
C GLN A 142 -12.49 -1.76 -15.17
N ALA A 143 -12.59 -0.76 -14.31
CA ALA A 143 -13.61 0.29 -14.46
C ALA A 143 -13.39 1.13 -15.71
N ALA A 144 -12.14 1.25 -16.14
CA ALA A 144 -11.78 1.90 -17.43
C ALA A 144 -11.91 0.98 -18.65
N GLY A 145 -12.50 -0.20 -18.49
CA GLY A 145 -12.81 -1.08 -19.62
C GLY A 145 -11.82 -2.20 -19.88
N VAL A 146 -10.82 -2.40 -19.01
CA VAL A 146 -9.83 -3.45 -19.23
C VAL A 146 -10.38 -4.81 -18.87
N ALA A 147 -10.34 -5.74 -19.82
CA ALA A 147 -10.87 -7.09 -19.66
C ALA A 147 -9.74 -8.08 -19.46
N TRP A 148 -10.09 -9.23 -18.91
CA TRP A 148 -9.23 -10.39 -18.93
C TRP A 148 -9.08 -10.82 -20.38
N GLY A 149 -7.84 -11.12 -20.76
CA GLY A 149 -7.51 -11.59 -22.11
C GLY A 149 -6.39 -12.62 -22.16
N GLU A 150 -6.01 -13.04 -23.37
CA GLU A 150 -5.02 -14.11 -23.53
C GLU A 150 -3.62 -13.74 -22.98
N ALA A 151 -3.26 -12.47 -23.02
CA ALA A 151 -1.98 -12.03 -22.48
C ALA A 151 -1.90 -12.32 -20.96
N ASP A 152 -3.04 -12.25 -20.31
CA ASP A 152 -3.14 -12.59 -18.88
C ASP A 152 -2.94 -14.06 -18.67
N ILE A 153 -3.61 -14.86 -19.48
CA ILE A 153 -3.45 -16.30 -19.42
C ILE A 153 -1.98 -16.72 -19.66
N THR A 154 -1.35 -16.12 -20.66
CA THR A 154 0.05 -16.41 -20.98
C THR A 154 0.95 -16.06 -19.79
N ALA A 155 0.70 -14.90 -19.20
CA ALA A 155 1.48 -14.44 -18.03
C ALA A 155 1.28 -15.33 -16.80
N ILE A 156 0.04 -15.76 -16.58
CA ILE A 156 -0.24 -16.67 -15.50
C ILE A 156 0.48 -18.00 -15.65
N LYS A 157 0.41 -18.56 -16.86
CA LYS A 157 1.13 -19.80 -17.12
C LYS A 157 2.64 -19.64 -16.90
N ARG A 158 3.15 -18.50 -17.35
CA ARG A 158 4.58 -18.19 -17.20
C ARG A 158 4.98 -18.12 -15.73
N LEU A 159 4.18 -17.42 -14.92
CA LEU A 159 4.42 -17.40 -13.48
C LEU A 159 4.35 -18.77 -12.83
N SER A 160 3.35 -19.55 -13.18
CA SER A 160 3.24 -20.90 -12.71
C SER A 160 4.49 -21.70 -13.11
N ASP A 161 4.95 -21.59 -14.36
CA ASP A 161 6.16 -22.33 -14.75
C ASP A 161 7.42 -21.93 -14.01
N MET A 162 7.47 -20.72 -13.47
CA MET A 162 8.62 -20.27 -12.67
C MET A 162 8.61 -20.84 -11.27
N GLY A 163 7.52 -21.51 -10.90
CA GLY A 163 7.39 -22.15 -9.62
C GLY A 163 6.51 -21.44 -8.61
N PHE A 164 5.87 -20.34 -9.00
CA PHE A 164 4.94 -19.70 -8.07
C PHE A 164 3.60 -20.46 -8.06
N LYS A 165 2.95 -20.51 -6.90
CA LYS A 165 1.50 -20.80 -6.82
C LYS A 165 0.79 -19.48 -7.09
N VAL A 166 -0.14 -19.48 -8.05
CA VAL A 166 -0.75 -18.26 -8.56
C VAL A 166 -2.19 -18.15 -8.06
N THR A 167 -2.49 -16.99 -7.50
CA THR A 167 -3.85 -16.61 -7.16
C THR A 167 -4.29 -15.69 -8.21
N VAL A 168 -5.55 -15.79 -8.58
CA VAL A 168 -6.11 -14.94 -9.58
C VAL A 168 -7.18 -14.05 -8.95
N ALA A 169 -7.17 -12.76 -9.30
CA ALA A 169 -8.08 -11.78 -8.68
C ALA A 169 -8.33 -10.58 -9.56
N GLY A 170 -9.47 -9.93 -9.41
CA GLY A 170 -9.70 -8.63 -9.97
C GLY A 170 -11.03 -8.67 -10.64
N GLY A 171 -12.08 -8.36 -9.87
CA GLY A 171 -13.42 -8.34 -10.44
C GLY A 171 -13.89 -9.65 -11.04
N LEU A 172 -13.44 -10.77 -10.51
CA LEU A 172 -13.81 -12.09 -11.06
C LEU A 172 -15.30 -12.36 -10.88
N ALA A 173 -15.91 -12.79 -11.97
CA ALA A 173 -17.27 -13.26 -12.00
C ALA A 173 -17.25 -14.75 -12.31
N LEU A 174 -18.34 -15.43 -12.00
CA LEU A 174 -18.47 -16.86 -12.24
C LEU A 174 -18.10 -17.21 -13.69
N GLU A 175 -18.52 -16.37 -14.62
CA GLU A 175 -18.37 -16.59 -16.05
C GLU A 175 -16.91 -16.52 -16.50
N ASP A 176 -16.07 -15.87 -15.69
CA ASP A 176 -14.64 -15.77 -16.01
C ASP A 176 -13.86 -17.05 -15.77
N LEU A 177 -14.40 -17.97 -14.96
CA LEU A 177 -13.60 -19.09 -14.53
C LEU A 177 -13.04 -19.95 -15.67
N PRO A 178 -13.82 -20.22 -16.71
CA PRO A 178 -13.32 -21.06 -17.81
C PRO A 178 -12.09 -20.50 -18.56
N LEU A 179 -11.81 -19.21 -18.46
CA LEU A 179 -10.59 -18.65 -19.08
C LEU A 179 -9.34 -19.30 -18.59
N PHE A 180 -9.34 -19.76 -17.33
CA PHE A 180 -8.16 -20.24 -16.65
C PHE A 180 -8.08 -21.76 -16.64
N LYS A 181 -9.01 -22.40 -17.32
CA LYS A 181 -9.03 -23.85 -17.35
C LYS A 181 -7.67 -24.44 -17.78
N GLY A 182 -7.28 -25.52 -17.13
CA GLY A 182 -6.03 -26.20 -17.45
C GLY A 182 -4.79 -25.67 -16.78
N ILE A 183 -4.89 -24.58 -16.02
CA ILE A 183 -3.75 -23.99 -15.29
C ILE A 183 -3.96 -24.33 -13.85
N PRO A 184 -2.93 -24.75 -13.13
CA PRO A 184 -3.06 -25.18 -11.74
C PRO A 184 -3.16 -23.98 -10.77
N ILE A 185 -4.20 -23.19 -10.95
CA ILE A 185 -4.47 -22.01 -10.12
C ILE A 185 -4.59 -22.42 -8.66
N HIS A 186 -3.88 -21.71 -7.78
CA HIS A 186 -3.87 -22.04 -6.36
C HIS A 186 -5.15 -21.57 -5.68
N VAL A 187 -5.58 -20.34 -6.01
CA VAL A 187 -6.71 -19.65 -5.34
C VAL A 187 -7.36 -18.69 -6.32
N PHE A 188 -8.69 -18.66 -6.31
CA PHE A 188 -9.46 -17.60 -6.95
C PHE A 188 -10.00 -16.70 -5.82
N ILE A 189 -9.81 -15.37 -5.97
CA ILE A 189 -10.43 -14.36 -5.08
C ILE A 189 -11.72 -13.82 -5.71
N ALA A 190 -12.77 -13.74 -4.92
CA ALA A 190 -13.98 -13.05 -5.31
C ALA A 190 -14.34 -12.11 -4.15
N GLY A 191 -14.57 -10.84 -4.47
CA GLY A 191 -15.04 -9.86 -3.49
C GLY A 191 -16.44 -9.47 -3.89
N ARG A 192 -16.55 -8.49 -4.76
CA ARG A 192 -17.85 -7.96 -5.17
C ARG A 192 -18.81 -9.04 -5.63
N SER A 193 -18.34 -9.97 -6.43
CA SER A 193 -19.27 -10.96 -7.04
C SER A 193 -19.85 -11.95 -5.99
N ILE A 194 -19.28 -12.01 -4.77
CA ILE A 194 -19.88 -12.75 -3.64
C ILE A 194 -20.64 -11.76 -2.72
N ARG A 195 -20.00 -10.71 -2.22
CA ARG A 195 -20.61 -9.82 -1.21
C ARG A 195 -21.84 -9.14 -1.71
N ASP A 196 -21.81 -8.77 -2.98
CA ASP A 196 -22.87 -7.91 -3.56
C ASP A 196 -23.92 -8.72 -4.33
N ALA A 197 -23.78 -10.03 -4.35
CA ALA A 197 -24.77 -10.94 -4.97
C ALA A 197 -26.09 -10.87 -4.23
N ALA A 198 -27.20 -11.06 -4.96
CA ALA A 198 -28.48 -11.18 -4.29
C ALA A 198 -28.47 -12.29 -3.25
N SER A 199 -27.78 -13.36 -3.57
CA SER A 199 -27.57 -14.45 -2.65
C SER A 199 -26.08 -14.80 -2.52
N PRO A 200 -25.40 -14.18 -1.56
CA PRO A 200 -23.97 -14.49 -1.34
C PRO A 200 -23.67 -15.97 -1.16
N VAL A 201 -24.60 -16.71 -0.54
CA VAL A 201 -24.41 -18.12 -0.34
C VAL A 201 -24.42 -18.87 -1.67
N GLU A 202 -25.40 -18.59 -2.51
CA GLU A 202 -25.49 -19.20 -3.84
C GLU A 202 -24.27 -18.80 -4.64
N ALA A 203 -23.85 -17.54 -4.51
CA ALA A 203 -22.69 -17.07 -5.30
C ALA A 203 -21.43 -17.85 -4.94
N ALA A 204 -21.16 -18.06 -3.66
CA ALA A 204 -19.98 -18.82 -3.25
C ALA A 204 -20.07 -20.30 -3.65
N ARG A 205 -21.23 -20.91 -3.47
CA ARG A 205 -21.41 -22.30 -3.88
C ARG A 205 -21.25 -22.50 -5.38
N GLN A 206 -21.71 -21.56 -6.16
CA GLN A 206 -21.55 -21.63 -7.60
C GLN A 206 -20.09 -21.53 -8.01
N PHE A 207 -19.33 -20.67 -7.33
CA PHE A 207 -17.90 -20.63 -7.60
C PHE A 207 -17.29 -21.99 -7.29
N LYS A 208 -17.62 -22.59 -6.15
CA LYS A 208 -16.98 -23.84 -5.82
C LYS A 208 -17.43 -24.98 -6.76
N ARG A 209 -18.70 -24.99 -7.10
CA ARG A 209 -19.26 -25.95 -8.06
C ARG A 209 -18.51 -25.88 -9.38
N SER A 210 -18.33 -24.67 -9.88
CA SER A 210 -17.68 -24.46 -11.18
C SER A 210 -16.20 -24.88 -11.13
N ILE A 211 -15.51 -24.53 -10.05
CA ILE A 211 -14.12 -24.93 -9.87
C ILE A 211 -14.00 -26.45 -9.83
N ALA A 212 -14.92 -27.11 -9.14
CA ALA A 212 -14.89 -28.56 -9.04
C ALA A 212 -15.11 -29.23 -10.43
N GLU A 213 -15.96 -28.62 -11.26
CA GLU A 213 -16.25 -29.09 -12.59
C GLU A 213 -15.02 -28.90 -13.49
N LEU A 214 -14.43 -27.72 -13.43
CA LEU A 214 -13.35 -27.35 -14.34
C LEU A 214 -12.01 -27.96 -13.97
N TRP A 215 -11.78 -28.29 -12.69
CA TRP A 215 -10.47 -28.81 -12.22
C TRP A 215 -10.54 -30.23 -11.69
N SER B 2 12.20 29.71 -2.20
CA SER B 2 11.36 29.21 -1.12
C SER B 2 12.17 28.13 -0.38
N LEU B 3 11.71 28.00 1.06
CA LEU B 3 12.46 26.97 1.85
C LEU B 3 11.69 25.67 1.71
N PRO B 4 12.39 24.55 1.55
CA PRO B 4 11.75 23.25 1.73
C PRO B 4 11.00 23.20 3.05
N MET B 5 9.79 22.64 3.06
CA MET B 5 8.99 22.46 4.28
C MET B 5 9.45 21.17 4.96
N LEU B 6 9.04 20.98 6.20
CA LEU B 6 9.38 19.79 6.97
C LEU B 6 8.11 19.04 7.32
N GLN B 7 8.12 17.76 7.01
CA GLN B 7 7.02 16.85 7.25
C GLN B 7 7.50 15.81 8.24
N VAL B 8 6.77 15.65 9.33
CA VAL B 8 7.04 14.58 10.28
C VAL B 8 6.21 13.41 9.91
N ALA B 9 6.83 12.25 9.82
CA ALA B 9 6.10 11.00 9.60
C ALA B 9 5.81 10.32 10.93
N LEU B 10 4.53 10.05 11.16
CA LEU B 10 4.05 9.34 12.32
C LEU B 10 3.89 7.89 11.93
N ASP B 11 4.98 7.13 12.00
CA ASP B 11 5.01 5.72 11.70
C ASP B 11 4.97 4.95 13.00
N ASN B 12 4.07 5.36 13.84
CA ASN B 12 3.81 4.74 15.13
C ASN B 12 2.72 3.69 14.95
N GLN B 13 2.69 2.67 15.80
CA GLN B 13 1.67 1.65 15.67
C GLN B 13 0.32 1.94 16.32
N THR B 14 0.31 2.88 17.27
CA THR B 14 -0.89 3.26 17.99
C THR B 14 -0.96 4.77 18.10
N MET B 15 -2.17 5.27 18.32
CA MET B 15 -2.35 6.72 18.40
C MET B 15 -1.60 7.30 19.58
N ASP B 16 -1.55 6.60 20.73
CA ASP B 16 -0.94 7.22 21.91
C ASP B 16 0.56 7.36 21.72
N SER B 17 1.18 6.38 21.03
CA SER B 17 2.59 6.53 20.62
C SER B 17 2.77 7.74 19.70
N ALA B 18 1.86 7.90 18.75
CA ALA B 18 1.95 9.07 17.87
C ALA B 18 1.82 10.38 18.63
N TYR B 19 0.91 10.48 19.60
CA TYR B 19 0.73 11.69 20.39
C TYR B 19 1.95 12.04 21.27
N GLU B 20 2.66 11.01 21.66
CA GLU B 20 3.95 11.25 22.35
C GLU B 20 4.91 12.05 21.50
N THR B 21 4.87 11.87 20.18
CA THR B 21 5.62 12.70 19.26
C THR B 21 4.88 14.04 19.01
N THR B 22 3.59 14.01 18.63
CA THR B 22 2.99 15.27 18.21
C THR B 22 2.89 16.34 19.32
N ARG B 23 2.72 15.91 20.56
CA ARG B 23 2.64 16.86 21.67
C ARG B 23 3.95 17.65 21.81
N LEU B 24 5.02 17.11 21.29
CA LEU B 24 6.32 17.76 21.31
C LEU B 24 6.57 18.59 20.06
N ILE B 25 6.23 18.08 18.87
CA ILE B 25 6.71 18.69 17.64
C ILE B 25 5.64 19.21 16.69
N ALA B 26 4.38 19.11 17.05
CA ALA B 26 3.35 19.55 16.12
C ALA B 26 3.52 20.98 15.64
N GLU B 27 3.96 21.87 16.49
CA GLU B 27 4.18 23.25 16.08
C GLU B 27 5.58 23.52 15.57
N GLU B 28 6.40 22.49 15.51
CA GLU B 28 7.73 22.64 14.99
C GLU B 28 7.89 22.15 13.57
N VAL B 29 6.84 21.59 12.96
CA VAL B 29 6.88 21.04 11.64
C VAL B 29 5.72 21.63 10.79
N ASP B 30 5.79 21.47 9.50
CA ASP B 30 4.74 22.03 8.60
C ASP B 30 3.63 21.04 8.26
N ILE B 31 3.99 19.78 8.08
CA ILE B 31 3.02 18.79 7.62
C ILE B 31 3.07 17.66 8.62
N ILE B 32 1.89 17.20 9.04
CA ILE B 32 1.80 16.01 9.86
C ILE B 32 1.35 14.83 9.02
N GLU B 33 2.23 13.84 8.87
CA GLU B 33 1.93 12.64 8.11
C GLU B 33 1.46 11.53 9.06
N VAL B 34 0.30 10.98 8.74
CA VAL B 34 -0.18 9.76 9.28
C VAL B 34 0.49 8.68 8.46
N GLY B 35 1.52 8.08 9.05
CA GLY B 35 2.29 7.14 8.32
C GLY B 35 1.51 5.88 7.93
N THR B 36 2.05 5.16 6.95
CA THR B 36 1.45 3.91 6.56
C THR B 36 1.30 2.99 7.77
N ILE B 37 2.33 2.97 8.64
CA ILE B 37 2.30 2.11 9.82
C ILE B 37 1.17 2.48 10.80
N LEU B 38 0.87 3.77 10.93
CA LEU B 38 -0.19 4.21 11.82
C LEU B 38 -1.55 3.97 11.10
N CYS B 39 -1.61 4.10 9.78
CA CYS B 39 -2.85 3.78 9.04
C CYS B 39 -3.21 2.31 9.25
N VAL B 40 -2.19 1.44 9.18
CA VAL B 40 -2.42 0.02 9.38
C VAL B 40 -2.69 -0.30 10.84
N GLY B 41 -2.04 0.38 11.78
CA GLY B 41 -2.21 0.08 13.18
C GLY B 41 -3.60 0.46 13.67
N GLU B 42 -4.06 1.64 13.26
CA GLU B 42 -5.27 2.20 13.85
C GLU B 42 -6.39 2.41 12.86
N GLY B 43 -6.11 2.34 11.59
CA GLY B 43 -7.10 2.69 10.57
C GLY B 43 -7.29 4.19 10.44
N VAL B 44 -8.25 4.56 9.61
CA VAL B 44 -8.40 5.93 9.17
C VAL B 44 -8.85 6.90 10.30
N ARG B 45 -9.29 6.37 11.44
CA ARG B 45 -9.55 7.21 12.58
C ARG B 45 -8.29 8.05 12.89
N ALA B 46 -7.11 7.51 12.61
CA ALA B 46 -5.88 8.26 12.88
C ALA B 46 -5.84 9.58 12.20
N VAL B 47 -6.34 9.62 10.95
CA VAL B 47 -6.43 10.83 10.16
C VAL B 47 -7.44 11.79 10.83
N ARG B 48 -8.63 11.30 11.13
CA ARG B 48 -9.69 12.08 11.71
C ARG B 48 -9.26 12.71 13.03
N ASP B 49 -8.60 11.92 13.88
CA ASP B 49 -8.24 12.40 15.18
C ASP B 49 -7.12 13.40 15.11
N LEU B 50 -6.10 13.14 14.27
CA LEU B 50 -4.97 14.04 14.17
C LEU B 50 -5.42 15.37 13.55
N LYS B 51 -6.29 15.35 12.55
CA LYS B 51 -6.76 16.61 12.01
C LYS B 51 -7.59 17.38 13.05
N ALA B 52 -8.38 16.69 13.87
CA ALA B 52 -9.12 17.37 14.93
C ALA B 52 -8.20 18.01 15.96
N LEU B 53 -7.07 17.39 16.28
CA LEU B 53 -6.11 18.00 17.17
C LEU B 53 -5.38 19.20 16.60
N TYR B 54 -5.10 19.14 15.29
CA TYR B 54 -4.23 20.09 14.60
C TYR B 54 -4.87 20.57 13.27
N PRO B 55 -6.04 21.19 13.39
CA PRO B 55 -6.84 21.50 12.18
C PRO B 55 -6.17 22.55 11.31
N HIS B 56 -5.28 23.35 11.87
CA HIS B 56 -4.55 24.36 11.11
C HIS B 56 -3.40 23.79 10.32
N LYS B 57 -3.01 22.52 10.54
CA LYS B 57 -1.87 21.94 9.87
C LYS B 57 -2.32 21.07 8.69
N ILE B 58 -1.44 20.91 7.72
CA ILE B 58 -1.66 19.99 6.63
C ILE B 58 -1.53 18.60 7.19
N VAL B 59 -2.51 17.76 6.93
CA VAL B 59 -2.45 16.33 7.37
C VAL B 59 -2.42 15.48 6.14
N LEU B 60 -1.42 14.63 6.03
CA LEU B 60 -1.20 13.76 4.89
C LEU B 60 -1.44 12.32 5.32
N ALA B 61 -2.26 11.58 4.57
CA ALA B 61 -2.45 10.15 4.86
C ALA B 61 -1.59 9.36 3.94
N ASP B 62 -0.57 8.69 4.45
CA ASP B 62 0.37 8.00 3.61
C ASP B 62 -0.07 6.57 3.33
N ALA B 63 -1.18 6.47 2.61
CA ALA B 63 -1.82 5.22 2.41
C ALA B 63 -1.18 4.36 1.32
N LYS B 64 -0.37 4.99 0.47
CA LYS B 64 0.35 4.30 -0.58
C LYS B 64 -0.65 3.38 -1.37
N ILE B 65 -1.72 4.01 -1.81
CA ILE B 65 -2.83 3.33 -2.50
C ILE B 65 -2.30 2.63 -3.74
N ALA B 66 -2.59 1.33 -3.83
CA ALA B 66 -2.18 0.52 -4.96
C ALA B 66 -3.30 0.25 -5.97
N ASP B 67 -4.53 0.43 -5.53
CA ASP B 67 -5.72 0.16 -6.37
C ASP B 67 -6.93 0.64 -5.58
N ALA B 68 -8.08 0.79 -6.24
CA ALA B 68 -9.27 1.33 -5.62
C ALA B 68 -8.99 2.76 -5.15
N GLY B 69 -8.47 3.54 -6.09
CA GLY B 69 -8.12 4.92 -5.89
C GLY B 69 -9.26 5.78 -5.36
N LYS B 70 -10.44 5.63 -5.96
CA LYS B 70 -11.57 6.40 -5.48
C LYS B 70 -12.00 6.03 -4.06
N ILE B 71 -12.18 4.74 -3.81
CA ILE B 71 -12.69 4.32 -2.49
C ILE B 71 -11.70 4.71 -1.38
N LEU B 72 -10.45 4.30 -1.57
CA LEU B 72 -9.47 4.54 -0.51
C LEU B 72 -9.19 6.03 -0.33
N SER B 73 -9.12 6.80 -1.43
CA SER B 73 -8.93 8.22 -1.27
C SER B 73 -10.13 8.82 -0.54
N ARG B 74 -11.34 8.43 -0.92
CA ARG B 74 -12.52 8.96 -0.27
C ARG B 74 -12.56 8.69 1.24
N MET B 75 -12.15 7.48 1.65
CA MET B 75 -12.04 7.18 3.08
C MET B 75 -11.12 8.16 3.80
N CYS B 76 -10.00 8.44 3.18
CA CYS B 76 -9.02 9.34 3.81
C CYS B 76 -9.55 10.79 3.84
N PHE B 77 -10.13 11.24 2.72
CA PHE B 77 -10.66 12.58 2.66
C PHE B 77 -11.91 12.85 3.53
N GLU B 78 -12.78 11.86 3.65
CA GLU B 78 -13.91 11.91 4.58
C GLU B 78 -13.44 12.00 6.04
N ALA B 79 -12.23 11.47 6.30
CA ALA B 79 -11.56 11.58 7.61
C ALA B 79 -10.78 12.87 7.75
N ASN B 80 -10.93 13.77 6.77
CA ASN B 80 -10.35 15.10 6.83
C ASN B 80 -8.86 15.23 6.47
N ALA B 81 -8.33 14.25 5.76
CA ALA B 81 -7.01 14.37 5.15
C ALA B 81 -6.95 15.57 4.21
N ASP B 82 -5.79 16.21 4.12
CA ASP B 82 -5.53 17.19 3.05
C ASP B 82 -4.89 16.53 1.84
N TRP B 83 -3.98 15.58 2.08
CA TRP B 83 -3.24 14.91 1.03
C TRP B 83 -3.28 13.40 1.23
N VAL B 84 -3.24 12.66 0.14
CA VAL B 84 -3.09 11.20 0.17
C VAL B 84 -2.02 10.77 -0.77
N THR B 85 -1.38 9.62 -0.50
CA THR B 85 -0.39 9.03 -1.41
C THR B 85 -0.87 7.82 -2.13
N VAL B 86 -0.46 7.70 -3.41
CA VAL B 86 -0.75 6.57 -4.29
C VAL B 86 0.63 6.02 -4.66
N ILE B 87 0.81 4.72 -4.59
CA ILE B 87 2.10 4.11 -4.88
C ILE B 87 2.38 4.09 -6.39
N CYS B 88 3.65 4.24 -6.74
CA CYS B 88 4.07 4.44 -8.14
C CYS B 88 3.60 3.33 -9.12
N CYS B 89 3.50 2.09 -8.67
CA CYS B 89 3.20 1.00 -9.62
C CYS B 89 1.71 0.96 -10.01
N ALA B 90 0.88 1.70 -9.29
CA ALA B 90 -0.57 1.63 -9.53
C ALA B 90 -0.93 1.96 -10.96
N ASP B 91 -1.91 1.22 -11.46
CA ASP B 91 -2.50 1.57 -12.72
C ASP B 91 -2.83 3.05 -12.75
N ILE B 92 -2.64 3.69 -13.90
CA ILE B 92 -2.90 5.12 -14.03
C ILE B 92 -4.30 5.55 -13.61
N ASN B 93 -5.29 4.66 -13.82
CA ASN B 93 -6.65 4.95 -13.40
C ASN B 93 -6.80 5.06 -11.89
N THR B 94 -5.87 4.47 -11.15
CA THR B 94 -5.87 4.60 -9.69
C THR B 94 -5.51 6.03 -9.29
N ALA B 95 -4.44 6.61 -9.88
CA ALA B 95 -4.09 8.00 -9.59
C ALA B 95 -5.20 8.93 -10.05
N LYS B 96 -5.74 8.67 -11.22
CA LYS B 96 -6.80 9.52 -11.73
C LYS B 96 -8.04 9.55 -10.83
N GLY B 97 -8.41 8.37 -10.35
CA GLY B 97 -9.53 8.23 -9.46
C GLY B 97 -9.30 8.92 -8.14
N ALA B 98 -8.09 8.75 -7.59
CA ALA B 98 -7.77 9.45 -6.35
C ALA B 98 -7.79 10.96 -6.53
N LEU B 99 -7.27 11.43 -7.66
CA LEU B 99 -7.31 12.85 -7.98
C LEU B 99 -8.71 13.42 -8.08
N ASP B 100 -9.64 12.69 -8.71
CA ASP B 100 -11.00 13.22 -8.85
C ASP B 100 -11.63 13.39 -7.49
N VAL B 101 -11.41 12.42 -6.61
CA VAL B 101 -11.97 12.54 -5.29
C VAL B 101 -11.35 13.72 -4.58
N ALA B 102 -10.02 13.82 -4.66
CA ALA B 102 -9.29 14.90 -4.00
C ALA B 102 -9.86 16.25 -4.34
N LYS B 103 -10.19 16.45 -5.61
CA LYS B 103 -10.76 17.74 -6.02
C LYS B 103 -12.12 18.03 -5.34
N GLU B 104 -12.92 17.02 -5.07
CA GLU B 104 -14.15 17.22 -4.31
C GLU B 104 -13.94 17.78 -2.93
N PHE B 105 -12.78 17.43 -2.35
CA PHE B 105 -12.45 17.79 -0.98
C PHE B 105 -11.43 18.92 -0.84
N ASN B 106 -11.14 19.57 -1.96
CA ASN B 106 -10.00 20.49 -2.08
C ASN B 106 -8.70 19.98 -1.48
N GLY B 107 -8.45 18.70 -1.73
CA GLY B 107 -7.20 18.06 -1.36
C GLY B 107 -6.32 17.79 -2.54
N ASP B 108 -5.33 16.92 -2.34
CA ASP B 108 -4.39 16.63 -3.39
C ASP B 108 -3.81 15.25 -3.21
N VAL B 109 -3.19 14.75 -4.26
CA VAL B 109 -2.61 13.42 -4.32
C VAL B 109 -1.16 13.53 -4.67
N GLN B 110 -0.31 12.76 -3.99
CA GLN B 110 1.07 12.58 -4.37
C GLN B 110 1.32 11.16 -4.84
N ILE B 111 2.20 10.97 -5.81
CA ILE B 111 2.68 9.63 -6.17
C ILE B 111 3.91 9.37 -5.34
N ASP B 112 3.86 8.31 -4.59
CA ASP B 112 5.04 7.88 -3.84
C ASP B 112 5.94 6.96 -4.68
N LEU B 113 7.24 7.30 -4.78
CA LEU B 113 8.19 6.65 -5.72
C LEU B 113 9.10 5.70 -5.01
N THR B 114 8.46 4.89 -4.09
CA THR B 114 9.27 3.81 -3.48
C THR B 114 9.31 2.64 -4.43
N GLY B 115 10.49 2.13 -4.70
CA GLY B 115 10.62 0.92 -5.52
C GLY B 115 10.65 1.19 -7.00
N TYR B 116 10.20 0.21 -7.76
CA TYR B 116 10.49 0.17 -9.18
C TYR B 116 9.40 0.89 -9.97
N TRP B 117 9.70 2.09 -10.86
CA TRP B 117 8.82 2.92 -11.72
C TRP B 117 9.70 3.36 -12.86
N THR B 118 9.06 3.91 -13.89
CA THR B 118 9.73 4.33 -15.11
C THR B 118 9.35 5.76 -15.51
N TRP B 119 10.18 6.37 -16.35
CA TRP B 119 9.88 7.72 -16.84
C TRP B 119 8.63 7.83 -17.67
N GLU B 120 8.23 6.73 -18.31
CA GLU B 120 6.99 6.71 -19.07
C GLU B 120 5.80 6.86 -18.11
N GLN B 121 5.88 6.15 -17.00
CA GLN B 121 4.87 6.27 -15.95
C GLN B 121 4.84 7.65 -15.40
N ALA B 122 6.01 8.26 -15.18
CA ALA B 122 6.07 9.63 -14.71
C ALA B 122 5.39 10.59 -15.66
N GLN B 123 5.58 10.40 -16.97
CA GLN B 123 4.84 11.24 -17.91
C GLN B 123 3.33 11.06 -17.82
N GLN B 124 2.85 9.84 -17.64
CA GLN B 124 1.42 9.58 -17.41
C GLN B 124 0.90 10.31 -16.20
N TRP B 125 1.62 10.28 -15.07
CA TRP B 125 1.22 11.04 -13.90
C TRP B 125 1.03 12.51 -14.20
N ARG B 126 1.98 13.13 -14.91
CA ARG B 126 1.91 14.55 -15.20
C ARG B 126 0.71 14.81 -16.09
N ASP B 127 0.55 13.98 -17.11
CA ASP B 127 -0.59 14.07 -18.05
C ASP B 127 -1.91 13.90 -17.33
N ALA B 128 -1.93 13.08 -16.26
CA ALA B 128 -3.14 12.91 -15.48
C ALA B 128 -3.43 14.09 -14.52
N GLY B 129 -2.45 14.99 -14.35
CA GLY B 129 -2.60 16.18 -13.56
C GLY B 129 -2.02 16.06 -12.15
N ILE B 130 -1.16 15.07 -11.94
CA ILE B 130 -0.43 14.91 -10.67
C ILE B 130 0.66 15.98 -10.61
N GLY B 131 0.73 16.71 -9.49
CA GLY B 131 1.65 17.83 -9.31
C GLY B 131 2.70 17.60 -8.26
N GLN B 132 2.62 16.48 -7.54
CA GLN B 132 3.55 16.15 -6.45
C GLN B 132 3.98 14.71 -6.51
N VAL B 133 5.26 14.47 -6.25
CA VAL B 133 5.82 13.14 -6.12
C VAL B 133 6.73 13.12 -4.88
N VAL B 134 6.81 11.95 -4.27
CA VAL B 134 7.76 11.67 -3.18
C VAL B 134 8.86 10.78 -3.69
N TYR B 135 10.04 11.39 -3.85
CA TYR B 135 11.19 10.65 -4.27
C TYR B 135 11.67 9.94 -3.00
N HIS B 136 11.62 8.61 -2.95
CA HIS B 136 11.61 7.88 -1.67
C HIS B 136 12.54 6.70 -1.70
N ARG B 137 13.61 6.76 -0.92
CA ARG B 137 14.44 5.58 -0.72
C ARG B 137 13.71 4.63 0.20
N SER B 138 13.57 3.39 -0.21
CA SER B 138 12.97 2.35 0.60
C SER B 138 13.76 2.21 1.90
N ARG B 139 13.05 2.16 3.02
CA ARG B 139 13.77 1.88 4.27
C ARG B 139 14.40 0.54 4.26
N ASP B 140 13.82 -0.43 3.55
CA ASP B 140 14.42 -1.77 3.49
C ASP B 140 15.71 -1.79 2.65
N ALA B 141 15.74 -1.00 1.59
CA ALA B 141 16.95 -0.80 0.79
C ALA B 141 17.99 -0.07 1.63
N GLN B 142 17.55 0.95 2.36
CA GLN B 142 18.43 1.67 3.26
C GLN B 142 19.11 0.70 4.24
N ALA B 143 18.33 -0.22 4.82
CA ALA B 143 18.84 -1.18 5.80
C ALA B 143 19.81 -2.15 5.16
N ALA B 144 19.65 -2.37 3.86
CA ALA B 144 20.59 -3.20 3.09
C ALA B 144 21.74 -2.37 2.48
N GLY B 145 22.00 -1.18 3.01
CA GLY B 145 23.14 -0.36 2.59
C GLY B 145 23.01 0.59 1.41
N VAL B 146 21.81 0.77 0.86
CA VAL B 146 21.63 1.72 -0.24
C VAL B 146 21.70 3.15 0.29
N ALA B 147 22.63 3.93 -0.26
CA ALA B 147 22.91 5.28 0.19
C ALA B 147 22.33 6.25 -0.82
N TRP B 148 22.05 7.47 -0.40
CA TRP B 148 21.75 8.57 -1.29
C TRP B 148 22.94 8.82 -2.20
N GLY B 149 22.69 9.25 -3.42
CA GLY B 149 23.74 9.31 -4.43
C GLY B 149 23.44 10.14 -5.65
N GLU B 150 24.39 10.06 -6.58
CA GLU B 150 24.39 10.81 -7.84
C GLU B 150 23.12 10.61 -8.62
N ALA B 151 22.75 9.35 -8.80
CA ALA B 151 21.58 9.00 -9.63
C ALA B 151 20.30 9.61 -9.04
N ASP B 152 20.25 9.73 -7.71
CA ASP B 152 19.09 10.33 -7.03
C ASP B 152 18.97 11.80 -7.34
N ILE B 153 20.08 12.53 -7.26
CA ILE B 153 20.09 13.94 -7.56
C ILE B 153 19.60 14.19 -8.99
N THR B 154 20.11 13.39 -9.92
CA THR B 154 19.74 13.50 -11.34
C THR B 154 18.25 13.28 -11.54
N ALA B 155 17.74 12.22 -10.92
CA ALA B 155 16.32 11.86 -11.05
C ALA B 155 15.44 12.92 -10.40
N ILE B 156 15.85 13.42 -9.23
CA ILE B 156 15.09 14.47 -8.58
C ILE B 156 15.03 15.71 -9.45
N LYS B 157 16.15 16.10 -10.05
CA LYS B 157 16.14 17.28 -10.93
C LYS B 157 15.23 17.06 -12.14
N ARG B 158 15.26 15.86 -12.69
CA ARG B 158 14.47 15.55 -13.88
C ARG B 158 12.98 15.58 -13.54
N LEU B 159 12.62 15.07 -12.35
CA LEU B 159 11.23 15.14 -11.90
C LEU B 159 10.78 16.57 -11.74
N SER B 160 11.62 17.38 -11.11
CA SER B 160 11.33 18.81 -10.98
C SER B 160 11.15 19.51 -12.35
N ASP B 161 11.99 19.20 -13.32
CA ASP B 161 11.91 19.84 -14.65
C ASP B 161 10.69 19.36 -15.44
N MET B 162 10.16 18.18 -15.10
CA MET B 162 8.85 17.72 -15.62
C MET B 162 7.68 18.49 -15.02
N GLY B 163 7.90 19.26 -13.95
CA GLY B 163 6.86 20.13 -13.40
C GLY B 163 6.28 19.65 -12.07
N PHE B 164 6.83 18.56 -11.54
CA PHE B 164 6.45 18.09 -10.20
C PHE B 164 7.17 18.87 -9.11
N LYS B 165 6.45 19.10 -8.02
CA LYS B 165 7.04 19.49 -6.73
C LYS B 165 7.48 18.21 -6.07
N VAL B 166 8.75 18.12 -5.67
CA VAL B 166 9.33 16.88 -5.21
C VAL B 166 9.51 16.94 -3.71
N THR B 167 8.95 15.95 -3.04
CA THR B 167 9.23 15.70 -1.64
C THR B 167 10.28 14.65 -1.62
N VAL B 168 11.23 14.75 -0.67
CA VAL B 168 12.31 13.77 -0.48
C VAL B 168 12.14 13.05 0.84
N ALA B 169 12.29 11.73 0.83
CA ALA B 169 12.10 10.92 2.03
C ALA B 169 12.90 9.66 1.96
N GLY B 170 13.11 9.08 3.13
CA GLY B 170 13.59 7.73 3.23
C GLY B 170 14.81 7.70 4.12
N GLY B 171 14.59 7.56 5.43
CA GLY B 171 15.67 7.53 6.40
C GLY B 171 16.52 8.78 6.42
N LEU B 172 15.94 9.92 6.12
CA LEU B 172 16.73 11.14 6.10
C LEU B 172 17.29 11.52 7.44
N ALA B 173 18.60 11.77 7.43
CA ALA B 173 19.32 12.29 8.57
C ALA B 173 19.73 13.72 8.27
N LEU B 174 19.96 14.46 9.33
CA LEU B 174 20.40 15.83 9.22
C LEU B 174 21.59 15.97 8.26
N GLU B 175 22.56 15.04 8.36
CA GLU B 175 23.73 15.07 7.49
C GLU B 175 23.49 14.86 6.02
N ASP B 176 22.29 14.38 5.63
CA ASP B 176 21.94 14.19 4.24
C ASP B 176 21.47 15.45 3.53
N LEU B 177 21.07 16.46 4.27
CA LEU B 177 20.45 17.65 3.60
C LEU B 177 21.40 18.33 2.60
N PRO B 178 22.69 18.50 2.92
CA PRO B 178 23.58 19.15 1.94
C PRO B 178 23.70 18.50 0.57
N LEU B 179 23.39 17.21 0.47
CA LEU B 179 23.39 16.46 -0.76
C LEU B 179 22.42 17.07 -1.74
N PHE B 180 21.37 17.72 -1.23
CA PHE B 180 20.25 18.22 -2.02
C PHE B 180 20.27 19.72 -2.27
N LYS B 181 21.30 20.38 -1.73
CA LYS B 181 21.46 21.80 -1.90
C LYS B 181 21.41 22.19 -3.36
N GLY B 182 20.73 23.29 -3.65
CA GLY B 182 20.66 23.83 -4.98
C GLY B 182 19.51 23.34 -5.81
N ILE B 183 18.74 22.38 -5.27
CA ILE B 183 17.56 21.77 -5.93
C ILE B 183 16.35 22.26 -5.21
N PRO B 184 15.31 22.68 -5.92
CA PRO B 184 14.14 23.30 -5.30
C PRO B 184 13.20 22.26 -4.63
N ILE B 185 13.71 21.51 -3.67
CA ILE B 185 12.92 20.51 -2.93
C ILE B 185 11.71 21.18 -2.28
N HIS B 186 10.52 20.59 -2.44
CA HIS B 186 9.33 21.12 -1.84
C HIS B 186 9.18 20.85 -0.32
N VAL B 187 9.49 19.60 0.00
CA VAL B 187 9.34 19.03 1.37
C VAL B 187 10.40 17.98 1.62
N PHE B 188 10.94 17.96 2.83
CA PHE B 188 11.72 16.83 3.36
C PHE B 188 10.86 16.15 4.40
N ILE B 189 10.79 14.82 4.34
CA ILE B 189 10.14 14.03 5.38
C ILE B 189 11.16 13.43 6.31
N ALA B 190 10.93 13.57 7.60
CA ALA B 190 11.72 12.89 8.63
C ALA B 190 10.77 12.17 9.58
N GLY B 191 11.02 10.86 9.74
CA GLY B 191 10.30 10.02 10.65
C GLY B 191 11.24 9.72 11.82
N ARG B 192 12.05 8.66 11.67
CA ARG B 192 12.84 8.15 12.75
C ARG B 192 13.81 9.21 13.26
N SER B 193 14.38 10.01 12.37
CA SER B 193 15.42 10.98 12.84
C SER B 193 14.85 12.08 13.75
N ILE B 194 13.53 12.30 13.73
CA ILE B 194 12.86 13.13 14.71
C ILE B 194 12.24 12.32 15.85
N ARG B 195 11.45 11.29 15.57
CA ARG B 195 10.65 10.66 16.60
C ARG B 195 11.57 10.00 17.63
N ASP B 196 12.67 9.49 17.14
CA ASP B 196 13.58 8.62 17.96
C ASP B 196 14.74 9.38 18.56
N ALA B 197 14.81 10.68 18.29
CA ALA B 197 15.86 11.49 18.89
C ALA B 197 15.69 11.60 20.41
N ALA B 198 16.78 11.85 21.13
CA ALA B 198 16.69 12.16 22.54
C ALA B 198 15.74 13.32 22.86
N SER B 199 15.78 14.37 22.03
CA SER B 199 14.85 15.53 22.05
C SER B 199 14.25 15.71 20.65
N PRO B 200 13.08 15.13 20.43
CA PRO B 200 12.41 15.39 19.14
C PRO B 200 12.28 16.87 18.78
N VAL B 201 12.00 17.73 19.77
CA VAL B 201 11.88 19.17 19.50
C VAL B 201 13.17 19.66 18.93
N GLU B 202 14.27 19.36 19.58
CA GLU B 202 15.52 19.87 19.07
C GLU B 202 15.93 19.26 17.75
N ALA B 203 15.57 18.01 17.49
CA ALA B 203 15.83 17.35 16.22
C ALA B 203 15.08 18.09 15.09
N ALA B 204 13.82 18.38 15.35
CA ALA B 204 13.05 19.12 14.38
C ALA B 204 13.63 20.50 14.13
N ARG B 205 13.99 21.21 15.18
CA ARG B 205 14.56 22.56 15.05
C ARG B 205 15.90 22.50 14.31
N GLN B 206 16.71 21.47 14.56
CA GLN B 206 17.95 21.31 13.78
C GLN B 206 17.72 21.17 12.25
N PHE B 207 16.71 20.37 11.86
CA PHE B 207 16.36 20.24 10.48
C PHE B 207 15.95 21.59 9.93
N LYS B 208 15.13 22.31 10.66
CA LYS B 208 14.66 23.64 10.20
C LYS B 208 15.85 24.62 10.06
N ARG B 209 16.79 24.60 11.03
CA ARG B 209 17.91 25.53 10.94
C ARG B 209 18.77 25.20 9.73
N SER B 210 19.03 23.90 9.51
CA SER B 210 19.89 23.51 8.43
C SER B 210 19.25 23.87 7.09
N ILE B 211 17.95 23.61 6.99
CA ILE B 211 17.25 23.93 5.77
C ILE B 211 17.36 25.41 5.51
N ALA B 212 17.18 26.23 6.54
CA ALA B 212 17.20 27.70 6.38
C ALA B 212 18.57 28.16 5.90
N GLU B 213 19.62 27.51 6.38
CA GLU B 213 20.97 27.84 5.97
C GLU B 213 21.20 27.41 4.53
N LEU B 214 20.84 26.20 4.20
CA LEU B 214 21.15 25.58 2.90
C LEU B 214 20.36 26.16 1.73
N TRP B 215 19.14 26.61 2.02
CA TRP B 215 18.24 27.18 1.00
C TRP B 215 18.00 28.67 1.21
N GLY B 216 18.68 29.25 2.19
CA GLY B 216 18.53 30.67 2.45
C GLY B 216 19.15 31.45 1.32
#